data_2LWG
#
_entry.id   2LWG
#
_entity_poly.entity_id   1
_entity_poly.type   'polydeoxyribonucleotide'
_entity_poly.pdbx_seq_one_letter_code
;(DG)(DG)(DA)(DT)(DA)(DT)(DA)(DT)(DC)(DC)
;
_entity_poly.pdbx_strand_id   1,2
#
loop_
_chem_comp.id
_chem_comp.type
_chem_comp.name
_chem_comp.formula
DA DNA linking 2'-DEOXYADENOSINE-5'-MONOPHOSPHATE 'C10 H14 N5 O6 P'
DC DNA linking 2'-DEOXYCYTIDINE-5'-MONOPHOSPHATE 'C9 H14 N3 O7 P'
DG DNA linking 2'-DEOXYGUANOSINE-5'-MONOPHOSPHATE 'C10 H14 N5 O7 P'
DT DNA linking THYMIDINE-5'-MONOPHOSPHATE 'C10 H15 N2 O8 P'
#